data_2F78
#
_entry.id   2F78
#
_cell.length_a   64.386
_cell.length_b   69.508
_cell.length_c   116.859
_cell.angle_alpha   90.00
_cell.angle_beta   90.00
_cell.angle_gamma   90.00
#
_symmetry.space_group_name_H-M   'P 21 21 21'
#
loop_
_entity.id
_entity.type
_entity.pdbx_description
1 polymer 'HTH-type transcriptional regulator benM'
2 non-polymer 'BENZOIC ACID'
3 water water
#
_entity_poly.entity_id   1
_entity_poly.type   'polypeptide(L)'
_entity_poly.pdbx_seq_one_letter_code
;MTKRIASVEKTIRIGFVGSLLFGLLPRIIHLYRQAHPNLRIELYEMGTKAQTEALKEGRIDAGFGRLKISDPAIKRTLLR
NERLMVAVHASHPLNQMKDKGVHLNDLIDEKILLYPSSPKPNFSTHVMNIFSDHGLEPTKINEVREVQLALGLVAAGEGI
SLVPASTQSIQLFNLSYVPLLDPDAITPIYIAVRNMEESTYIYSLYETIRQIYAYEGFTEPPNWLEHHHHHH
;
_entity_poly.pdbx_strand_id   A,B
#
loop_
_chem_comp.id
_chem_comp.type
_chem_comp.name
_chem_comp.formula
BEZ non-polymer 'BENZOIC ACID' 'C7 H6 O2'
#
# COMPACT_ATOMS: atom_id res chain seq x y z
N SER A 7 22.99 -25.45 0.36
CA SER A 7 23.83 -25.16 1.56
C SER A 7 23.65 -23.69 1.99
N VAL A 8 22.99 -23.48 3.13
CA VAL A 8 22.87 -22.16 3.74
C VAL A 8 24.02 -21.96 4.72
N GLU A 9 24.86 -20.96 4.48
CA GLU A 9 25.94 -20.61 5.40
C GLU A 9 25.38 -19.90 6.63
N LYS A 10 24.38 -19.05 6.39
CA LYS A 10 23.83 -18.22 7.43
C LYS A 10 22.46 -17.71 7.02
N THR A 11 21.57 -17.61 8.01
CA THR A 11 20.31 -16.93 7.84
C THR A 11 20.47 -15.52 8.38
N ILE A 12 20.20 -14.54 7.53
CA ILE A 12 20.24 -13.14 7.94
C ILE A 12 18.81 -12.64 7.99
N ARG A 13 18.45 -12.00 9.10
CA ARG A 13 17.07 -11.59 9.34
C ARG A 13 16.96 -10.06 9.39
N ILE A 14 16.04 -9.51 8.60
CA ILE A 14 16.00 -8.07 8.39
C ILE A 14 14.64 -7.53 8.78
N GLY A 15 14.67 -6.61 9.74
CA GLY A 15 13.49 -5.84 10.14
C GLY A 15 13.36 -4.63 9.23
N PHE A 16 12.13 -4.26 8.89
CA PHE A 16 11.91 -3.09 8.04
C PHE A 16 10.55 -2.44 8.31
N VAL A 17 10.51 -1.11 8.24
CA VAL A 17 9.25 -0.37 8.23
C VAL A 17 8.57 -0.50 6.85
N GLY A 18 7.26 -0.79 6.85
CA GLY A 18 6.52 -1.12 5.63
C GLY A 18 6.62 -0.14 4.46
N SER A 19 6.59 1.15 4.76
CA SER A 19 6.70 2.18 3.73
C SER A 19 7.96 2.06 2.87
N LEU A 20 9.02 1.46 3.42
CA LEU A 20 10.28 1.30 2.68
C LEU A 20 10.15 0.34 1.48
N LEU A 21 9.08 -0.44 1.45
CA LEU A 21 8.86 -1.33 0.31
C LEU A 21 8.60 -0.56 -0.97
N PHE A 22 8.08 0.67 -0.86
CA PHE A 22 7.82 1.50 -2.05
C PHE A 22 9.07 2.22 -2.55
N GLY A 23 10.15 2.11 -1.79
CA GLY A 23 11.45 2.67 -2.18
C GLY A 23 12.44 1.61 -2.64
N LEU A 24 13.67 1.70 -2.15
CA LEU A 24 14.78 0.89 -2.65
C LEU A 24 14.96 -0.44 -1.96
N LEU A 25 14.19 -0.71 -0.92
CA LEU A 25 14.36 -1.93 -0.15
C LEU A 25 14.32 -3.21 -0.98
N PRO A 26 13.26 -3.42 -1.78
CA PRO A 26 13.23 -4.66 -2.57
C PRO A 26 14.41 -4.87 -3.54
N ARG A 27 14.87 -3.84 -4.25
CA ARG A 27 16.00 -4.01 -5.18
CA ARG A 27 16.00 -4.03 -5.16
C ARG A 27 17.31 -4.25 -4.43
N ILE A 28 17.43 -3.64 -3.24
CA ILE A 28 18.58 -3.86 -2.38
C ILE A 28 18.62 -5.32 -1.87
N ILE A 29 17.49 -5.83 -1.40
CA ILE A 29 17.40 -7.21 -0.94
C ILE A 29 17.59 -8.19 -2.11
N HIS A 30 16.99 -7.88 -3.26
CA HIS A 30 17.15 -8.76 -4.43
C HIS A 30 18.63 -8.89 -4.86
N LEU A 31 19.34 -7.78 -4.91
CA LEU A 31 20.75 -7.78 -5.30
C LEU A 31 21.62 -8.47 -4.23
N TYR A 32 21.33 -8.20 -2.97
CA TYR A 32 22.03 -8.82 -1.84
C TYR A 32 21.92 -10.34 -1.90
N ARG A 33 20.69 -10.84 -2.13
CA ARG A 33 20.43 -12.28 -2.29
C ARG A 33 21.18 -12.87 -3.49
N GLN A 34 21.14 -12.15 -4.60
CA GLN A 34 21.78 -12.59 -5.84
C GLN A 34 23.29 -12.71 -5.67
N ALA A 35 23.91 -11.70 -5.06
CA ALA A 35 25.36 -11.70 -4.87
C ALA A 35 25.82 -12.67 -3.78
N HIS A 36 24.89 -13.15 -2.96
CA HIS A 36 25.20 -13.99 -1.82
C HIS A 36 24.26 -15.19 -1.75
N PRO A 37 24.35 -16.10 -2.74
CA PRO A 37 23.41 -17.22 -2.86
C PRO A 37 23.56 -18.26 -1.75
N ASN A 38 24.66 -18.17 -0.99
CA ASN A 38 24.91 -18.97 0.21
C ASN A 38 24.13 -18.49 1.45
N LEU A 39 23.52 -17.31 1.36
CA LEU A 39 22.73 -16.76 2.46
C LEU A 39 21.23 -16.92 2.23
N ARG A 40 20.52 -17.17 3.33
CA ARG A 40 19.07 -17.11 3.35
C ARG A 40 18.68 -15.83 4.08
N ILE A 41 17.94 -14.96 3.40
CA ILE A 41 17.51 -13.69 3.97
CA ILE A 41 17.52 -13.71 4.01
C ILE A 41 16.02 -13.76 4.27
N GLU A 42 15.64 -13.36 5.48
CA GLU A 42 14.26 -13.34 5.94
C GLU A 42 13.87 -11.90 6.25
N LEU A 43 12.69 -11.48 5.81
CA LEU A 43 12.22 -10.12 5.99
C LEU A 43 11.05 -10.07 6.96
N TYR A 44 11.14 -9.17 7.93
CA TYR A 44 10.13 -9.04 8.96
C TYR A 44 9.69 -7.59 9.07
N GLU A 45 8.42 -7.35 8.76
CA GLU A 45 7.85 -6.00 8.90
C GLU A 45 7.65 -5.66 10.38
N MET A 46 8.25 -4.56 10.81
CA MET A 46 8.11 -4.08 12.18
C MET A 46 8.51 -2.61 12.32
N GLY A 47 7.86 -1.93 13.27
CA GLY A 47 8.12 -0.52 13.53
C GLY A 47 9.51 -0.34 14.12
N THR A 48 10.01 0.88 14.09
CA THR A 48 11.40 1.15 14.48
C THR A 48 11.69 0.77 15.94
N LYS A 49 10.76 1.06 16.84
CA LYS A 49 10.91 0.70 18.24
C LYS A 49 10.95 -0.83 18.41
N ALA A 50 10.09 -1.54 17.69
CA ALA A 50 10.10 -3.00 17.72
C ALA A 50 11.44 -3.59 17.24
N GLN A 51 12.04 -2.94 16.23
CA GLN A 51 13.34 -3.36 15.69
C GLN A 51 14.46 -3.35 16.74
N THR A 52 14.41 -2.36 17.63
CA THR A 52 15.39 -2.18 18.69
C THR A 52 15.46 -3.38 19.63
N GLU A 53 14.29 -3.84 20.07
CA GLU A 53 14.21 -5.00 20.95
C GLU A 53 14.58 -6.26 20.20
N ALA A 54 14.16 -6.34 18.93
CA ALA A 54 14.43 -7.50 18.08
C ALA A 54 15.93 -7.66 17.86
N LEU A 55 16.62 -6.57 17.61
CA LEU A 55 18.07 -6.58 17.46
C LEU A 55 18.76 -7.06 18.73
N LYS A 56 18.31 -6.57 19.89
CA LYS A 56 19.01 -6.84 21.14
C LYS A 56 19.01 -8.31 21.49
N GLU A 57 17.91 -9.00 21.19
CA GLU A 57 17.79 -10.42 21.49
C GLU A 57 18.05 -11.32 20.28
N GLY A 58 18.46 -10.72 19.17
CA GLY A 58 18.85 -11.48 17.99
C GLY A 58 17.72 -12.00 17.10
N ARG A 59 16.51 -11.47 17.27
N ARG A 59 16.51 -11.47 17.29
CA ARG A 59 15.39 -11.86 16.42
CA ARG A 59 15.37 -11.79 16.44
C ARG A 59 15.60 -11.36 14.99
C ARG A 59 15.69 -11.39 15.00
N ILE A 60 16.27 -10.20 14.85
CA ILE A 60 16.72 -9.70 13.55
C ILE A 60 18.19 -9.30 13.69
N ASP A 61 18.86 -9.07 12.57
CA ASP A 61 20.28 -8.73 12.49
C ASP A 61 20.53 -7.31 12.01
N ALA A 62 19.58 -6.77 11.24
CA ALA A 62 19.62 -5.37 10.83
C ALA A 62 18.18 -4.88 10.79
N GLY A 63 18.00 -3.61 11.17
CA GLY A 63 16.70 -2.99 11.13
C GLY A 63 16.76 -1.72 10.28
N PHE A 64 15.89 -1.64 9.28
CA PHE A 64 15.71 -0.41 8.49
C PHE A 64 14.52 0.37 9.02
N GLY A 65 14.77 1.50 9.66
CA GLY A 65 13.71 2.28 10.31
C GLY A 65 13.72 3.75 9.93
N ARG A 66 12.80 4.50 10.55
CA ARG A 66 12.59 5.92 10.25
C ARG A 66 12.70 6.83 11.47
N LEU A 67 12.95 6.23 12.62
CA LEU A 67 13.05 6.96 13.90
C LEU A 67 14.47 6.86 14.42
N LYS A 68 14.93 7.94 15.04
CA LYS A 68 16.22 8.01 15.70
C LYS A 68 15.98 7.84 17.19
N ILE A 69 15.95 6.60 17.66
CA ILE A 69 15.58 6.31 19.04
C ILE A 69 16.69 5.56 19.75
N SER A 70 17.38 6.27 20.63
CA SER A 70 18.64 5.78 21.18
C SER A 70 18.48 4.70 22.23
N ASP A 71 19.38 3.73 22.16
CA ASP A 71 19.48 2.65 23.10
C ASP A 71 20.95 2.27 23.08
N PRO A 72 21.60 2.20 24.26
CA PRO A 72 23.06 1.94 24.29
C PRO A 72 23.51 0.65 23.59
N ALA A 73 22.60 -0.33 23.56
CA ALA A 73 22.90 -1.65 22.99
C ALA A 73 22.77 -1.70 21.46
N ILE A 74 22.35 -0.60 20.86
CA ILE A 74 22.12 -0.50 19.42
C ILE A 74 22.98 0.63 18.87
N LYS A 75 23.44 0.49 17.62
CA LYS A 75 24.02 1.61 16.89
C LYS A 75 23.29 1.76 15.55
N ARG A 76 23.23 3.00 15.06
CA ARG A 76 22.55 3.28 13.80
CA ARG A 76 22.53 3.32 13.82
C ARG A 76 23.36 4.24 12.93
N THR A 77 23.08 4.17 11.63
CA THR A 77 23.66 5.04 10.62
C THR A 77 22.50 5.63 9.81
N LEU A 78 22.49 6.95 9.61
CA LEU A 78 21.52 7.57 8.70
C LEU A 78 21.92 7.22 7.28
N LEU A 79 21.01 6.59 6.52
CA LEU A 79 21.31 6.24 5.13
C LEU A 79 21.08 7.43 4.20
N ARG A 80 19.87 7.98 4.26
CA ARG A 80 19.51 9.16 3.49
C ARG A 80 18.25 9.81 4.06
N ASN A 81 18.03 11.06 3.67
CA ASN A 81 16.78 11.76 3.94
C ASN A 81 15.98 11.76 2.66
N GLU A 82 14.79 11.18 2.77
CA GLU A 82 13.85 11.14 1.67
C GLU A 82 13.01 12.40 1.71
N ARG A 83 12.79 13.01 0.55
CA ARG A 83 11.94 14.19 0.48
C ARG A 83 10.48 13.82 0.76
N LEU A 84 9.74 14.77 1.33
CA LEU A 84 8.29 14.65 1.46
C LEU A 84 7.59 15.31 0.27
N MET A 85 6.37 14.87 -0.01
CA MET A 85 5.56 15.44 -1.07
C MET A 85 4.13 15.63 -0.59
N VAL A 86 3.35 16.42 -1.31
CA VAL A 86 1.92 16.57 -1.03
C VAL A 86 1.13 15.83 -2.09
N ALA A 87 0.39 14.83 -1.64
CA ALA A 87 -0.57 14.11 -2.45
C ALA A 87 -1.84 14.94 -2.50
N VAL A 88 -2.25 15.32 -3.71
CA VAL A 88 -3.45 16.13 -3.92
C VAL A 88 -4.26 15.57 -5.07
N HIS A 89 -5.55 15.96 -5.10
CA HIS A 89 -6.39 15.70 -6.25
C HIS A 89 -5.91 16.60 -7.39
N ALA A 90 -5.93 16.08 -8.61
CA ALA A 90 -5.37 16.79 -9.75
C ALA A 90 -6.11 18.10 -10.05
N SER A 91 -7.35 18.21 -9.58
CA SER A 91 -8.15 19.44 -9.70
C SER A 91 -7.83 20.46 -8.61
N HIS A 92 -6.97 20.10 -7.67
CA HIS A 92 -6.68 20.97 -6.54
C HIS A 92 -5.75 22.11 -6.97
N PRO A 93 -6.03 23.34 -6.52
CA PRO A 93 -5.20 24.52 -6.80
C PRO A 93 -3.69 24.26 -6.67
N LEU A 94 -3.29 23.63 -5.58
CA LEU A 94 -1.89 23.19 -5.36
C LEU A 94 -1.29 22.41 -6.53
N ASN A 95 -2.11 21.67 -7.28
CA ASN A 95 -1.60 20.90 -8.42
C ASN A 95 -1.09 21.77 -9.57
N GLN A 96 -1.50 23.04 -9.59
CA GLN A 96 -0.98 23.99 -10.57
CA GLN A 96 -0.98 24.01 -10.55
C GLN A 96 0.50 24.30 -10.28
N MET A 97 0.96 23.92 -9.08
CA MET A 97 2.36 24.07 -8.68
C MET A 97 3.13 22.76 -8.72
N LYS A 98 2.59 21.74 -9.41
CA LYS A 98 3.22 20.42 -9.50
C LYS A 98 4.67 20.51 -9.97
N ASP A 99 4.93 21.36 -10.97
CA ASP A 99 6.27 21.46 -11.56
C ASP A 99 7.22 22.38 -10.79
N LYS A 100 6.69 23.12 -9.82
CA LYS A 100 7.49 24.10 -9.07
C LYS A 100 7.61 23.75 -7.58
N GLY A 101 6.59 23.12 -7.01
CA GLY A 101 6.58 22.77 -5.61
C GLY A 101 5.96 23.86 -4.75
N VAL A 102 5.65 23.50 -3.50
CA VAL A 102 5.00 24.39 -2.54
C VAL A 102 5.66 24.23 -1.19
N HIS A 103 5.25 25.03 -0.21
CA HIS A 103 5.79 24.98 1.14
C HIS A 103 4.73 24.59 2.16
N LEU A 104 5.17 24.12 3.32
CA LEU A 104 4.27 23.72 4.41
C LEU A 104 3.19 24.76 4.74
N ASN A 105 3.58 26.03 4.77
CA ASN A 105 2.63 27.08 5.14
C ASN A 105 1.49 27.25 4.13
N ASP A 106 1.63 26.68 2.93
CA ASP A 106 0.55 26.65 1.94
C ASP A 106 -0.56 25.65 2.30
N LEU A 107 -0.31 24.76 3.26
CA LEU A 107 -1.20 23.63 3.54
C LEU A 107 -1.95 23.77 4.86
N ILE A 108 -1.71 24.87 5.56
CA ILE A 108 -2.19 25.01 6.94
CA ILE A 108 -2.18 25.06 6.93
C ILE A 108 -3.71 25.09 7.05
N ASP A 109 -4.38 25.53 5.98
CA ASP A 109 -5.85 25.67 5.97
CA ASP A 109 -5.85 25.66 5.98
C ASP A 109 -6.51 24.60 5.09
N GLU A 110 -5.77 23.55 4.78
CA GLU A 110 -6.27 22.43 3.97
C GLU A 110 -6.62 21.25 4.89
N LYS A 111 -7.54 20.39 4.43
CA LYS A 111 -7.88 19.18 5.15
C LYS A 111 -6.77 18.14 4.97
N ILE A 112 -5.97 17.95 6.01
CA ILE A 112 -4.80 17.05 5.94
C ILE A 112 -5.08 15.68 6.51
N LEU A 113 -4.77 14.66 5.71
CA LEU A 113 -4.90 13.27 6.14
C LEU A 113 -3.57 12.77 6.68
N LEU A 114 -3.52 12.54 7.99
CA LEU A 114 -2.33 11.96 8.61
C LEU A 114 -2.50 10.45 8.68
N TYR A 115 -1.38 9.75 8.80
CA TYR A 115 -1.36 8.29 8.88
C TYR A 115 0.04 7.87 9.37
N PRO A 116 0.20 6.61 9.81
CA PRO A 116 -0.82 5.59 10.01
C PRO A 116 -1.49 5.72 11.39
N SER A 117 -2.52 4.91 11.61
CA SER A 117 -3.03 4.66 12.96
C SER A 117 -2.14 3.57 13.56
N SER A 118 -1.25 3.97 14.46
CA SER A 118 -0.32 3.05 15.10
C SER A 118 0.21 3.75 16.35
N PRO A 119 0.93 3.02 17.22
CA PRO A 119 1.53 3.70 18.38
C PRO A 119 2.46 4.85 17.98
N LYS A 120 2.39 5.94 18.75
CA LYS A 120 3.22 7.10 18.52
C LYS A 120 4.50 7.00 19.37
N PRO A 121 5.61 7.60 18.91
CA PRO A 121 5.75 8.39 17.68
C PRO A 121 5.70 7.56 16.40
N ASN A 122 5.25 8.21 15.33
CA ASN A 122 5.11 7.57 14.01
C ASN A 122 5.17 8.65 12.93
N PHE A 123 4.76 8.30 11.71
CA PHE A 123 4.81 9.25 10.61
C PHE A 123 3.91 10.46 10.84
N SER A 124 2.77 10.25 11.50
CA SER A 124 1.85 11.33 11.81
C SER A 124 2.48 12.39 12.73
N THR A 125 3.06 11.95 13.84
CA THR A 125 3.73 12.87 14.78
C THR A 125 4.95 13.51 14.10
N HIS A 126 5.65 12.71 13.30
CA HIS A 126 6.76 13.21 12.49
C HIS A 126 6.35 14.41 11.65
N VAL A 127 5.25 14.27 10.91
CA VAL A 127 4.74 15.35 10.04
C VAL A 127 4.30 16.58 10.85
N MET A 128 3.56 16.35 11.93
CA MET A 128 3.09 17.44 12.77
C MET A 128 4.25 18.18 13.46
N ASN A 129 5.32 17.45 13.78
CA ASN A 129 6.53 18.06 14.36
C ASN A 129 7.23 19.01 13.39
N ILE A 130 7.28 18.65 12.12
CA ILE A 130 7.85 19.53 11.10
C ILE A 130 7.04 20.82 10.99
N PHE A 131 5.70 20.73 11.02
CA PHE A 131 4.85 21.92 11.06
C PHE A 131 5.13 22.77 12.30
N SER A 132 5.16 22.14 13.47
CA SER A 132 5.34 22.83 14.75
C SER A 132 6.71 23.50 14.84
N ASP A 133 7.72 22.88 14.24
CA ASP A 133 9.06 23.47 14.13
C ASP A 133 9.06 24.87 13.49
N HIS A 134 7.99 25.23 12.79
CA HIS A 134 7.86 26.54 12.15
C HIS A 134 6.65 27.34 12.58
N GLY A 135 6.13 27.01 13.77
CA GLY A 135 4.99 27.69 14.36
C GLY A 135 3.75 27.59 13.50
N LEU A 136 3.61 26.47 12.80
CA LEU A 136 2.44 26.21 11.96
C LEU A 136 1.58 25.16 12.66
N GLU A 137 0.28 25.41 12.76
CA GLU A 137 -0.65 24.49 13.39
C GLU A 137 -1.85 24.25 12.48
N PRO A 138 -1.76 23.24 11.60
CA PRO A 138 -2.87 22.86 10.74
C PRO A 138 -4.13 22.64 11.57
N THR A 139 -5.20 23.35 11.22
CA THR A 139 -6.45 23.26 11.95
C THR A 139 -7.29 22.04 11.54
N LYS A 140 -7.25 21.68 10.26
CA LYS A 140 -8.07 20.60 9.72
C LYS A 140 -7.23 19.33 9.55
N ILE A 141 -7.32 18.46 10.54
CA ILE A 141 -6.50 17.26 10.61
C ILE A 141 -7.41 16.06 10.80
N ASN A 142 -7.06 14.97 10.14
CA ASN A 142 -7.75 13.70 10.35
C ASN A 142 -6.76 12.55 10.18
N GLU A 143 -6.70 11.65 11.16
CA GLU A 143 -5.82 10.49 11.08
C GLU A 143 -6.54 9.28 10.47
N VAL A 144 -5.90 8.63 9.51
CA VAL A 144 -6.46 7.43 8.88
C VAL A 144 -5.52 6.21 9.04
N ARG A 145 -6.04 5.03 8.71
CA ARG A 145 -5.37 3.78 9.03
C ARG A 145 -3.96 3.63 8.46
N GLU A 146 -3.82 3.79 7.15
CA GLU A 146 -2.51 3.69 6.51
C GLU A 146 -2.47 4.40 5.14
N VAL A 147 -1.31 4.37 4.50
CA VAL A 147 -1.01 5.23 3.35
C VAL A 147 -2.04 5.15 2.22
N GLN A 148 -2.44 3.94 1.84
CA GLN A 148 -3.30 3.77 0.67
C GLN A 148 -4.72 4.25 0.94
N LEU A 149 -5.14 4.18 2.19
CA LEU A 149 -6.40 4.78 2.60
CA LEU A 149 -6.40 4.77 2.61
C LEU A 149 -6.31 6.29 2.43
N ALA A 150 -5.17 6.86 2.83
CA ALA A 150 -4.94 8.30 2.69
C ALA A 150 -4.99 8.72 1.21
N LEU A 151 -4.28 7.99 0.37
CA LEU A 151 -4.23 8.30 -1.06
C LEU A 151 -5.58 8.12 -1.74
N GLY A 152 -6.29 7.03 -1.41
CA GLY A 152 -7.63 6.79 -1.91
C GLY A 152 -8.59 7.93 -1.60
N LEU A 153 -8.51 8.43 -0.36
CA LEU A 153 -9.35 9.54 0.07
C LEU A 153 -8.96 10.85 -0.62
N VAL A 154 -7.66 11.06 -0.86
CA VAL A 154 -7.23 12.23 -1.62
C VAL A 154 -7.80 12.15 -3.05
N ALA A 155 -7.64 10.98 -3.66
CA ALA A 155 -8.15 10.70 -5.00
C ALA A 155 -9.67 10.84 -5.07
N ALA A 156 -10.33 10.62 -3.94
CA ALA A 156 -11.79 10.75 -3.84
C ALA A 156 -12.27 12.17 -3.60
N GLY A 157 -11.37 13.09 -3.25
CA GLY A 157 -11.70 14.49 -3.01
C GLY A 157 -11.85 14.87 -1.54
N GLU A 158 -11.26 14.06 -0.65
CA GLU A 158 -11.44 14.24 0.82
C GLU A 158 -10.44 15.18 1.47
N GLY A 159 -9.31 15.44 0.80
CA GLY A 159 -8.27 16.27 1.40
C GLY A 159 -6.94 16.10 0.70
N ILE A 160 -5.86 16.38 1.42
CA ILE A 160 -4.49 16.24 0.93
C ILE A 160 -3.71 15.43 1.97
N SER A 161 -2.55 14.92 1.57
CA SER A 161 -1.73 14.14 2.49
C SER A 161 -0.26 14.36 2.21
N LEU A 162 0.54 14.50 3.25
CA LEU A 162 1.99 14.54 3.12
C LEU A 162 2.51 13.10 3.12
N VAL A 163 3.41 12.79 2.19
CA VAL A 163 3.85 11.42 1.97
C VAL A 163 5.33 11.36 1.60
N PRO A 164 6.00 10.23 1.90
CA PRO A 164 7.35 10.12 1.37
C PRO A 164 7.36 10.15 -0.17
N ALA A 165 8.39 10.73 -0.76
CA ALA A 165 8.51 10.79 -2.22
C ALA A 165 8.34 9.43 -2.93
N SER A 166 8.83 8.35 -2.32
CA SER A 166 8.74 7.01 -2.92
C SER A 166 7.32 6.45 -2.97
N THR A 167 6.38 7.14 -2.31
CA THR A 167 4.95 6.84 -2.44
C THR A 167 4.43 6.97 -3.88
N GLN A 168 5.17 7.70 -4.71
CA GLN A 168 4.88 7.82 -6.14
C GLN A 168 4.90 6.50 -6.90
N SER A 169 5.36 5.42 -6.26
CA SER A 169 5.15 4.06 -6.77
C SER A 169 3.66 3.73 -6.90
N ILE A 170 2.83 4.45 -6.15
CA ILE A 170 1.40 4.32 -6.26
C ILE A 170 0.87 5.47 -7.10
N GLN A 171 0.31 5.13 -8.26
CA GLN A 171 -0.35 6.10 -9.12
C GLN A 171 -1.83 5.74 -9.21
N LEU A 172 -2.68 6.65 -8.75
CA LEU A 172 -4.13 6.50 -8.85
C LEU A 172 -4.70 7.56 -9.78
N PHE A 173 -5.87 7.26 -10.35
CA PHE A 173 -6.52 8.17 -11.27
C PHE A 173 -6.91 9.48 -10.59
N ASN A 174 -6.43 10.58 -11.16
CA ASN A 174 -6.64 11.95 -10.67
C ASN A 174 -5.96 12.26 -9.35
N LEU A 175 -4.91 11.50 -9.04
CA LEU A 175 -4.03 11.79 -7.90
C LEU A 175 -2.70 12.34 -8.42
N SER A 176 -2.24 13.43 -7.81
CA SER A 176 -0.97 14.06 -8.19
C SER A 176 -0.08 14.21 -6.96
N TYR A 177 1.23 14.25 -7.18
CA TYR A 177 2.19 14.45 -6.10
C TYR A 177 2.96 15.74 -6.36
N VAL A 178 2.90 16.65 -5.39
CA VAL A 178 3.49 17.97 -5.51
C VAL A 178 4.72 18.03 -4.61
N PRO A 179 5.86 18.51 -5.13
CA PRO A 179 7.04 18.61 -4.27
C PRO A 179 6.87 19.62 -3.14
N LEU A 180 7.46 19.32 -2.00
CA LEU A 180 7.43 20.19 -0.83
C LEU A 180 8.85 20.76 -0.72
N LEU A 181 8.96 22.08 -0.67
CA LEU A 181 10.24 22.77 -0.84
C LEU A 181 11.01 23.06 0.46
N ASP A 182 10.33 23.09 1.61
CA ASP A 182 11.04 23.31 2.88
C ASP A 182 12.17 22.28 2.97
N PRO A 183 13.41 22.75 3.21
CA PRO A 183 14.55 21.82 3.25
C PRO A 183 14.43 20.73 4.31
N ASP A 184 13.77 21.04 5.41
CA ASP A 184 13.54 20.05 6.46
C ASP A 184 12.27 19.21 6.27
N ALA A 185 11.60 19.36 5.13
CA ALA A 185 10.46 18.52 4.76
C ALA A 185 10.97 17.18 4.25
N ILE A 186 11.45 16.36 5.17
CA ILE A 186 12.10 15.09 4.86
C ILE A 186 11.68 14.01 5.85
N THR A 187 11.93 12.76 5.48
CA THR A 187 11.77 11.64 6.41
C THR A 187 13.01 10.74 6.25
N PRO A 188 13.77 10.53 7.35
CA PRO A 188 15.00 9.76 7.26
C PRO A 188 14.79 8.27 7.11
N ILE A 189 15.85 7.60 6.66
CA ILE A 189 15.93 6.16 6.63
C ILE A 189 17.22 5.81 7.38
N TYR A 190 17.10 4.96 8.39
CA TYR A 190 18.27 4.52 9.18
C TYR A 190 18.46 3.04 8.99
N ILE A 191 19.71 2.58 9.12
CA ILE A 191 19.96 1.16 9.34
C ILE A 191 20.51 1.01 10.77
N ALA A 192 19.89 0.16 11.55
CA ALA A 192 20.31 -0.10 12.91
C ALA A 192 20.80 -1.53 13.05
N VAL A 193 21.84 -1.70 13.84
CA VAL A 193 22.44 -2.99 14.15
C VAL A 193 22.78 -3.02 15.63
N ARG A 194 23.00 -4.21 16.18
CA ARG A 194 23.55 -4.34 17.53
C ARG A 194 24.83 -3.51 17.67
N ASN A 195 25.08 -2.97 18.85
CA ASN A 195 26.26 -2.17 19.11
C ASN A 195 27.49 -3.04 19.40
N MET A 196 28.01 -3.63 18.33
CA MET A 196 29.18 -4.48 18.33
C MET A 196 29.73 -4.44 16.90
N GLU A 197 30.82 -5.16 16.65
CA GLU A 197 31.33 -5.25 15.28
C GLU A 197 30.36 -6.05 14.40
N GLU A 198 30.04 -5.47 13.24
CA GLU A 198 29.15 -6.10 12.27
C GLU A 198 29.78 -7.36 11.72
N SER A 199 28.96 -8.38 11.49
CA SER A 199 29.43 -9.57 10.83
C SER A 199 29.79 -9.26 9.37
N THR A 200 30.60 -10.13 8.77
CA THR A 200 30.86 -10.12 7.33
C THR A 200 29.56 -9.95 6.54
N TYR A 201 28.52 -10.66 6.97
CA TYR A 201 27.22 -10.65 6.31
C TYR A 201 26.54 -9.29 6.33
N ILE A 202 26.62 -8.57 7.45
CA ILE A 202 26.00 -7.24 7.57
C ILE A 202 26.82 -6.23 6.77
N TYR A 203 28.14 -6.34 6.86
CA TYR A 203 29.03 -5.52 6.01
C TYR A 203 28.74 -5.73 4.52
N SER A 204 28.38 -6.95 4.11
CA SER A 204 27.97 -7.20 2.71
C SER A 204 26.72 -6.43 2.34
N LEU A 205 25.77 -6.35 3.28
CA LEU A 205 24.54 -5.60 3.10
C LEU A 205 24.84 -4.11 2.95
N TYR A 206 25.72 -3.58 3.80
CA TYR A 206 26.20 -2.20 3.64
C TYR A 206 26.71 -1.90 2.24
N GLU A 207 27.47 -2.83 1.67
CA GLU A 207 28.06 -2.62 0.36
C GLU A 207 27.03 -2.63 -0.76
N THR A 208 26.00 -3.45 -0.61
CA THR A 208 24.88 -3.50 -1.55
C THR A 208 24.14 -2.17 -1.56
N ILE A 209 23.92 -1.60 -0.37
CA ILE A 209 23.29 -0.27 -0.23
C ILE A 209 24.15 0.81 -0.88
N ARG A 210 25.45 0.79 -0.56
N ARG A 210 25.45 0.77 -0.58
CA ARG A 210 26.43 1.65 -1.21
CA ARG A 210 26.43 1.67 -1.20
C ARG A 210 26.31 1.63 -2.73
C ARG A 210 26.40 1.63 -2.72
N GLN A 211 26.27 0.43 -3.28
CA GLN A 211 26.23 0.21 -4.73
C GLN A 211 24.98 0.84 -5.35
N ILE A 212 23.81 0.50 -4.81
CA ILE A 212 22.53 1.06 -5.27
C ILE A 212 22.51 2.59 -5.12
N TYR A 213 23.00 3.08 -3.98
CA TYR A 213 23.07 4.51 -3.75
C TYR A 213 23.95 5.24 -4.78
N ALA A 214 25.03 4.59 -5.20
CA ALA A 214 25.92 5.18 -6.21
C ALA A 214 25.20 5.31 -7.55
N TYR A 215 24.44 4.27 -7.92
CA TYR A 215 23.59 4.31 -9.12
C TYR A 215 22.56 5.44 -9.07
N GLU A 216 22.03 5.71 -7.88
CA GLU A 216 21.05 6.78 -7.71
C GLU A 216 21.72 8.15 -7.59
N GLY A 217 23.04 8.19 -7.72
CA GLY A 217 23.80 9.43 -7.67
C GLY A 217 23.82 10.09 -6.29
N PHE A 218 23.49 9.32 -5.25
CA PHE A 218 23.52 9.84 -3.89
C PHE A 218 24.99 10.02 -3.50
N THR A 219 25.33 11.17 -2.91
CA THR A 219 26.72 11.45 -2.48
C THR A 219 26.95 11.06 -1.01
N GLU A 220 27.99 10.27 -0.78
CA GLU A 220 28.28 9.72 0.55
C GLU A 220 28.84 10.75 1.51
N PRO A 221 28.27 10.85 2.72
CA PRO A 221 28.90 11.71 3.72
C PRO A 221 30.18 11.07 4.29
N PRO A 222 30.97 11.84 5.05
CA PRO A 222 32.16 11.32 5.74
C PRO A 222 31.89 10.05 6.56
N ASN A 223 32.74 9.05 6.40
CA ASN A 223 32.71 7.82 7.22
C ASN A 223 31.42 7.01 7.11
N TRP A 224 30.73 7.16 5.98
CA TRP A 224 29.41 6.53 5.79
C TRP A 224 29.55 5.03 5.56
N LEU A 225 28.80 4.23 6.34
CA LEU A 225 29.01 2.77 6.40
C LEU A 225 30.36 2.09 6.49
N GLU A 226 30.91 2.00 7.71
CA GLU A 226 32.27 1.47 7.92
C GLU A 226 32.54 0.09 7.33
N HIS A 227 33.83 -0.21 7.14
CA HIS A 227 34.29 -1.51 6.66
C HIS A 227 34.99 -2.24 7.82
N HIS A 228 35.44 -3.47 7.55
CA HIS A 228 36.31 -4.23 8.48
C HIS A 228 35.66 -4.42 9.86
N LYS B 10 -28.39 16.50 5.65
CA LYS B 10 -28.02 15.10 6.00
C LYS B 10 -26.74 14.67 5.25
N THR B 11 -26.37 13.41 5.41
CA THR B 11 -25.16 12.87 4.79
C THR B 11 -25.33 11.39 4.47
N ILE B 12 -24.49 10.89 3.57
CA ILE B 12 -24.54 9.49 3.15
C ILE B 12 -23.29 8.74 3.63
N ARG B 13 -23.52 7.63 4.33
CA ARG B 13 -22.45 6.76 4.82
C ARG B 13 -22.24 5.59 3.86
N ILE B 14 -21.01 5.47 3.35
CA ILE B 14 -20.66 4.46 2.37
C ILE B 14 -19.55 3.53 2.91
N GLY B 15 -19.87 2.24 3.08
CA GLY B 15 -18.89 1.23 3.45
C GLY B 15 -18.15 0.70 2.22
N PHE B 16 -16.88 0.36 2.39
CA PHE B 16 -16.09 -0.19 1.27
C PHE B 16 -14.95 -1.10 1.73
N VAL B 17 -14.63 -2.09 0.91
CA VAL B 17 -13.43 -2.92 1.09
C VAL B 17 -12.23 -2.16 0.53
N GLY B 18 -11.10 -2.20 1.26
CA GLY B 18 -9.90 -1.43 0.91
C GLY B 18 -9.32 -1.59 -0.49
N SER B 19 -9.37 -2.80 -1.04
CA SER B 19 -8.83 -3.03 -2.38
C SER B 19 -9.53 -2.18 -3.47
N LEU B 20 -10.76 -1.75 -3.20
CA LEU B 20 -11.51 -0.93 -4.15
C LEU B 20 -10.94 0.50 -4.32
N LEU B 21 -10.05 0.92 -3.42
CA LEU B 21 -9.38 2.21 -3.53
C LEU B 21 -8.38 2.27 -4.68
N PHE B 22 -7.89 1.12 -5.10
CA PHE B 22 -7.01 1.06 -6.28
C PHE B 22 -7.78 1.08 -7.59
N GLY B 23 -9.10 0.89 -7.52
CA GLY B 23 -9.97 0.88 -8.69
C GLY B 23 -10.75 2.16 -8.85
N LEU B 24 -12.05 2.03 -9.14
CA LEU B 24 -12.86 3.18 -9.57
C LEU B 24 -13.57 3.90 -8.44
N LEU B 25 -13.40 3.42 -7.21
CA LEU B 25 -14.14 3.95 -6.10
C LEU B 25 -13.87 5.45 -5.89
N PRO B 26 -12.59 5.87 -5.82
CA PRO B 26 -12.35 7.30 -5.60
C PRO B 26 -12.97 8.18 -6.69
N ARG B 27 -12.72 7.82 -7.94
CA ARG B 27 -13.27 8.51 -9.12
C ARG B 27 -14.79 8.66 -9.07
N ILE B 28 -15.47 7.59 -8.66
CA ILE B 28 -16.92 7.63 -8.47
C ILE B 28 -17.28 8.64 -7.38
N ILE B 29 -16.63 8.54 -6.23
CA ILE B 29 -16.91 9.41 -5.09
C ILE B 29 -16.64 10.88 -5.40
N HIS B 30 -15.57 11.14 -6.15
CA HIS B 30 -15.22 12.52 -6.52
C HIS B 30 -16.22 13.15 -7.48
N LEU B 31 -16.64 12.39 -8.49
CA LEU B 31 -17.66 12.87 -9.44
C LEU B 31 -18.98 13.11 -8.70
N TYR B 32 -19.31 12.19 -7.79
CA TYR B 32 -20.48 12.30 -6.91
C TYR B 32 -20.43 13.57 -6.07
N ARG B 33 -19.30 13.78 -5.38
CA ARG B 33 -19.08 14.99 -4.57
C ARG B 33 -19.20 16.27 -5.39
N GLN B 34 -18.52 16.33 -6.52
CA GLN B 34 -18.53 17.50 -7.40
C GLN B 34 -19.94 17.86 -7.87
N ALA B 35 -20.74 16.84 -8.13
CA ALA B 35 -22.14 17.04 -8.54
C ALA B 35 -23.00 17.50 -7.36
N HIS B 36 -22.62 17.14 -6.14
CA HIS B 36 -23.38 17.53 -4.94
C HIS B 36 -22.47 18.11 -3.86
N PRO B 37 -21.90 19.32 -4.10
CA PRO B 37 -21.01 19.94 -3.11
C PRO B 37 -21.64 20.16 -1.74
N ASN B 38 -22.96 20.40 -1.73
CA ASN B 38 -23.71 20.59 -0.50
C ASN B 38 -23.75 19.37 0.43
N LEU B 39 -23.74 18.16 -0.14
CA LEU B 39 -23.81 16.94 0.67
C LEU B 39 -22.44 16.53 1.21
N ARG B 40 -22.44 16.06 2.45
CA ARG B 40 -21.23 15.51 3.06
C ARG B 40 -21.23 13.99 2.94
N ILE B 41 -20.08 13.44 2.55
CA ILE B 41 -19.94 12.00 2.32
C ILE B 41 -19.02 11.41 3.39
N GLU B 42 -19.42 10.27 3.95
CA GLU B 42 -18.63 9.60 4.99
C GLU B 42 -18.23 8.18 4.55
N LEU B 43 -16.96 8.02 4.23
CA LEU B 43 -16.43 6.76 3.72
C LEU B 43 -15.84 5.92 4.86
N TYR B 44 -16.31 4.69 5.00
CA TYR B 44 -15.87 3.79 6.05
C TYR B 44 -15.32 2.48 5.50
N GLU B 45 -14.07 2.18 5.85
CA GLU B 45 -13.43 0.95 5.42
C GLU B 45 -13.96 -0.21 6.26
N MET B 46 -14.45 -1.26 5.60
CA MET B 46 -14.95 -2.45 6.31
C MET B 46 -15.20 -3.65 5.40
N GLY B 47 -15.11 -4.84 5.99
CA GLY B 47 -15.34 -6.09 5.28
C GLY B 47 -16.80 -6.28 4.91
N THR B 48 -17.04 -7.29 4.08
CA THR B 48 -18.37 -7.49 3.49
C THR B 48 -19.38 -8.00 4.51
N LYS B 49 -18.94 -8.89 5.39
CA LYS B 49 -19.79 -9.38 6.49
C LYS B 49 -20.15 -8.23 7.44
N ALA B 50 -19.16 -7.40 7.74
CA ALA B 50 -19.36 -6.22 8.58
C ALA B 50 -20.31 -5.21 7.92
N GLN B 51 -20.21 -5.08 6.60
CA GLN B 51 -21.13 -4.22 5.85
C GLN B 51 -22.57 -4.70 5.99
N THR B 52 -22.77 -6.00 5.79
CA THR B 52 -24.09 -6.60 5.87
C THR B 52 -24.77 -6.29 7.21
N GLU B 53 -24.13 -6.67 8.31
CA GLU B 53 -24.67 -6.39 9.64
C GLU B 53 -24.88 -4.88 9.85
N ALA B 54 -23.99 -4.07 9.28
CA ALA B 54 -24.09 -2.61 9.39
C ALA B 54 -25.26 -2.05 8.59
N LEU B 55 -25.52 -2.61 7.42
CA LEU B 55 -26.66 -2.21 6.61
C LEU B 55 -27.96 -2.47 7.38
N LYS B 56 -28.09 -3.71 7.85
CA LYS B 56 -29.26 -4.13 8.63
C LYS B 56 -29.52 -3.27 9.87
N GLU B 57 -28.45 -2.79 10.50
CA GLU B 57 -28.56 -1.93 11.70
C GLU B 57 -28.66 -0.43 11.38
N GLY B 58 -28.64 -0.09 10.09
CA GLY B 58 -28.78 1.30 9.64
C GLY B 58 -27.57 2.17 9.96
N ARG B 59 -26.39 1.56 9.97
CA ARG B 59 -25.13 2.26 10.25
C ARG B 59 -24.42 2.71 8.98
N ILE B 60 -24.71 2.06 7.85
CA ILE B 60 -24.30 2.54 6.52
C ILE B 60 -25.49 2.54 5.57
N ASP B 61 -25.36 3.28 4.48
CA ASP B 61 -26.42 3.39 3.48
C ASP B 61 -26.18 2.45 2.29
N ALA B 62 -24.93 2.40 1.85
CA ALA B 62 -24.52 1.46 0.79
C ALA B 62 -23.15 0.85 1.12
N GLY B 63 -22.96 -0.40 0.69
CA GLY B 63 -21.73 -1.15 0.92
C GLY B 63 -21.18 -1.69 -0.39
N PHE B 64 -19.91 -1.37 -0.66
CA PHE B 64 -19.18 -1.91 -1.79
C PHE B 64 -18.25 -3.00 -1.29
N GLY B 65 -18.54 -4.24 -1.69
CA GLY B 65 -17.89 -5.41 -1.14
C GLY B 65 -17.47 -6.38 -2.24
N ARG B 66 -16.93 -7.52 -1.82
CA ARG B 66 -16.39 -8.50 -2.76
C ARG B 66 -16.80 -9.93 -2.41
N LEU B 67 -17.81 -10.10 -1.57
CA LEU B 67 -18.24 -11.42 -1.13
C LEU B 67 -19.68 -11.69 -1.56
N LYS B 68 -19.89 -12.91 -2.03
CA LYS B 68 -21.20 -13.39 -2.44
C LYS B 68 -22.04 -13.70 -1.19
N ILE B 69 -22.58 -12.64 -0.58
CA ILE B 69 -23.41 -12.74 0.62
C ILE B 69 -24.89 -12.94 0.28
N SER B 70 -25.64 -13.52 1.21
CA SER B 70 -27.07 -13.68 1.04
C SER B 70 -27.80 -13.39 2.33
N ASP B 71 -28.66 -12.37 2.29
CA ASP B 71 -29.45 -11.99 3.46
C ASP B 71 -30.80 -11.46 2.99
N PRO B 72 -31.90 -11.98 3.58
CA PRO B 72 -33.26 -11.49 3.27
C PRO B 72 -33.38 -9.96 3.30
N ALA B 73 -32.70 -9.33 4.24
CA ALA B 73 -32.74 -7.87 4.41
C ALA B 73 -32.01 -7.11 3.28
N ILE B 74 -30.96 -7.71 2.73
CA ILE B 74 -30.06 -7.00 1.82
C ILE B 74 -30.31 -7.27 0.34
N LYS B 75 -30.39 -6.19 -0.42
CA LYS B 75 -30.41 -6.22 -1.89
C LYS B 75 -28.99 -6.00 -2.42
N ARG B 76 -28.42 -7.03 -3.04
CA ARG B 76 -27.05 -7.01 -3.53
C ARG B 76 -27.07 -7.06 -5.05
N THR B 77 -26.13 -6.36 -5.68
CA THR B 77 -26.06 -6.27 -7.14
C THR B 77 -24.61 -6.40 -7.60
N LEU B 78 -24.35 -7.31 -8.55
CA LEU B 78 -23.01 -7.46 -9.12
C LEU B 78 -22.73 -6.32 -10.10
N LEU B 79 -21.75 -5.48 -9.76
CA LEU B 79 -21.36 -4.36 -10.60
C LEU B 79 -20.47 -4.81 -11.76
N ARG B 80 -19.38 -5.50 -11.44
CA ARG B 80 -18.55 -6.16 -12.44
C ARG B 80 -17.63 -7.18 -11.78
N ASN B 81 -17.09 -8.08 -12.61
CA ASN B 81 -16.03 -8.99 -12.23
C ASN B 81 -14.70 -8.40 -12.67
N GLU B 82 -13.79 -8.21 -11.72
CA GLU B 82 -12.44 -7.74 -12.01
C GLU B 82 -11.52 -8.94 -12.23
N ARG B 83 -10.66 -8.87 -13.24
CA ARG B 83 -9.72 -9.97 -13.54
C ARG B 83 -8.64 -10.12 -12.46
N LEU B 84 -8.11 -11.33 -12.33
CA LEU B 84 -6.92 -11.59 -11.51
C LEU B 84 -5.66 -11.61 -12.37
N MET B 85 -4.54 -11.27 -11.74
CA MET B 85 -3.24 -11.26 -12.37
C MET B 85 -2.23 -11.85 -11.42
N VAL B 86 -1.07 -12.20 -11.96
CA VAL B 86 0.03 -12.72 -11.17
C VAL B 86 1.14 -11.68 -11.12
N ALA B 87 1.49 -11.25 -9.91
CA ALA B 87 2.61 -10.36 -9.68
C ALA B 87 3.87 -11.21 -9.59
N VAL B 88 4.84 -10.89 -10.45
CA VAL B 88 6.09 -11.66 -10.53
C VAL B 88 7.29 -10.71 -10.61
N HIS B 89 8.47 -11.23 -10.32
CA HIS B 89 9.68 -10.44 -10.58
C HIS B 89 9.91 -10.42 -12.08
N ALA B 90 10.45 -9.31 -12.57
CA ALA B 90 10.77 -9.14 -14.01
C ALA B 90 11.46 -10.36 -14.61
N SER B 91 12.34 -10.99 -13.83
CA SER B 91 13.16 -12.12 -14.31
C SER B 91 12.45 -13.47 -14.28
N HIS B 92 11.27 -13.53 -13.70
CA HIS B 92 10.59 -14.80 -13.48
C HIS B 92 10.14 -15.43 -14.81
N PRO B 93 10.30 -16.77 -14.95
CA PRO B 93 9.85 -17.49 -16.15
C PRO B 93 8.43 -17.14 -16.62
N LEU B 94 7.49 -17.07 -15.68
CA LEU B 94 6.09 -16.67 -15.97
C LEU B 94 5.96 -15.32 -16.65
N ASN B 95 6.94 -14.44 -16.45
CA ASN B 95 6.91 -13.13 -17.09
C ASN B 95 7.25 -13.20 -18.59
N GLN B 96 7.70 -14.35 -19.07
CA GLN B 96 7.83 -14.60 -20.51
C GLN B 96 6.48 -14.80 -21.20
N MET B 97 5.43 -15.07 -20.42
CA MET B 97 4.05 -15.15 -20.94
C MET B 97 3.20 -13.92 -20.59
N LYS B 98 3.84 -12.78 -20.38
CA LYS B 98 3.12 -11.54 -20.07
C LYS B 98 2.09 -11.18 -21.14
N ASP B 99 2.49 -11.27 -22.41
CA ASP B 99 1.59 -10.92 -23.52
C ASP B 99 0.49 -11.97 -23.74
N LYS B 100 0.83 -13.24 -23.59
CA LYS B 100 -0.15 -14.34 -23.73
C LYS B 100 -1.04 -14.52 -22.50
N GLY B 101 -0.43 -14.42 -21.31
CA GLY B 101 -1.09 -14.79 -20.06
C GLY B 101 -0.82 -16.23 -19.69
N VAL B 102 -1.12 -16.57 -18.44
CA VAL B 102 -0.87 -17.91 -17.90
C VAL B 102 -2.15 -18.45 -17.27
N HIS B 103 -2.11 -19.70 -16.79
CA HIS B 103 -3.25 -20.32 -16.13
C HIS B 103 -2.92 -20.64 -14.70
N LEU B 104 -3.96 -20.82 -13.89
CA LEU B 104 -3.80 -21.23 -12.48
C LEU B 104 -2.88 -22.44 -12.34
N ASN B 105 -3.05 -23.43 -13.20
CA ASN B 105 -2.26 -24.67 -13.10
C ASN B 105 -0.75 -24.47 -13.31
N ASP B 106 -0.36 -23.35 -13.92
CA ASP B 106 1.06 -23.00 -14.09
C ASP B 106 1.70 -22.56 -12.77
N LEU B 107 0.88 -22.23 -11.77
CA LEU B 107 1.36 -21.59 -10.55
C LEU B 107 1.56 -22.54 -9.36
N ILE B 108 1.11 -23.80 -9.46
CA ILE B 108 0.98 -24.62 -8.24
C ILE B 108 2.29 -25.03 -7.58
N ASP B 109 3.40 -24.97 -8.30
CA ASP B 109 4.71 -25.32 -7.75
C ASP B 109 5.54 -24.09 -7.38
N GLU B 110 4.94 -22.90 -7.50
CA GLU B 110 5.59 -21.64 -7.14
C GLU B 110 5.28 -21.28 -5.69
N LYS B 111 6.14 -20.47 -5.09
CA LYS B 111 5.92 -19.94 -3.75
C LYS B 111 4.90 -18.83 -3.86
N ILE B 112 3.69 -19.08 -3.38
CA ILE B 112 2.59 -18.12 -3.53
C ILE B 112 2.35 -17.32 -2.25
N LEU B 113 2.28 -16.00 -2.40
CA LEU B 113 2.02 -15.11 -1.28
C LEU B 113 0.54 -14.80 -1.26
N LEU B 114 -0.13 -15.28 -0.22
CA LEU B 114 -1.54 -15.01 0.00
C LEU B 114 -1.66 -13.83 0.96
N TYR B 115 -2.79 -13.14 0.89
CA TYR B 115 -3.05 -12.00 1.78
C TYR B 115 -4.55 -11.69 1.74
N PRO B 116 -5.07 -10.95 2.74
CA PRO B 116 -4.40 -10.49 3.95
C PRO B 116 -4.42 -11.55 5.04
N SER B 117 -3.91 -11.19 6.22
CA SER B 117 -3.85 -12.07 7.38
C SER B 117 -5.02 -11.84 8.32
N SER B 118 -5.93 -10.93 7.94
CA SER B 118 -7.12 -10.63 8.72
C SER B 118 -8.07 -11.84 8.78
N PRO B 119 -9.13 -11.77 9.61
CA PRO B 119 -10.06 -12.89 9.75
C PRO B 119 -10.68 -13.39 8.44
N LYS B 120 -10.85 -14.71 8.34
CA LYS B 120 -11.41 -15.36 7.16
C LYS B 120 -12.93 -15.45 7.30
N PRO B 121 -13.67 -15.47 6.18
CA PRO B 121 -13.20 -15.47 4.78
C PRO B 121 -12.70 -14.11 4.31
N ASN B 122 -11.67 -14.14 3.45
CA ASN B 122 -11.06 -12.92 2.92
C ASN B 122 -10.48 -13.19 1.53
N PHE B 123 -9.63 -12.32 1.02
CA PHE B 123 -9.09 -12.50 -0.32
C PHE B 123 -8.27 -13.79 -0.45
N SER B 124 -7.55 -14.13 0.61
CA SER B 124 -6.77 -15.36 0.66
C SER B 124 -7.64 -16.60 0.46
N THR B 125 -8.74 -16.67 1.20
CA THR B 125 -9.73 -17.74 1.04
C THR B 125 -10.31 -17.76 -0.38
N HIS B 126 -10.52 -16.57 -0.92
CA HIS B 126 -11.06 -16.41 -2.27
C HIS B 126 -10.13 -17.05 -3.30
N VAL B 127 -8.85 -16.68 -3.24
CA VAL B 127 -7.84 -17.22 -4.15
C VAL B 127 -7.67 -18.73 -3.99
N MET B 128 -7.54 -19.20 -2.75
CA MET B 128 -7.39 -20.63 -2.53
C MET B 128 -8.62 -21.42 -2.98
N ASN B 129 -9.80 -20.85 -2.80
CA ASN B 129 -11.03 -21.48 -3.31
C ASN B 129 -11.06 -21.64 -4.83
N ILE B 130 -10.52 -20.68 -5.57
CA ILE B 130 -10.49 -20.78 -7.04
C ILE B 130 -9.54 -21.90 -7.48
N PHE B 131 -8.39 -22.03 -6.82
CA PHE B 131 -7.49 -23.16 -7.08
C PHE B 131 -8.23 -24.47 -6.82
N SER B 132 -8.86 -24.59 -5.65
CA SER B 132 -9.51 -25.85 -5.27
C SER B 132 -10.75 -26.17 -6.11
N ASP B 133 -11.40 -25.15 -6.67
CA ASP B 133 -12.48 -25.36 -7.65
C ASP B 133 -12.04 -26.17 -8.88
N HIS B 134 -10.73 -26.24 -9.11
CA HIS B 134 -10.17 -27.02 -10.22
C HIS B 134 -9.19 -28.11 -9.80
N GLY B 135 -9.26 -28.52 -8.54
CA GLY B 135 -8.43 -29.60 -8.04
C GLY B 135 -6.96 -29.24 -7.97
N LEU B 136 -6.67 -27.97 -7.75
CA LEU B 136 -5.31 -27.49 -7.68
C LEU B 136 -5.04 -27.16 -6.23
N GLU B 137 -3.90 -27.63 -5.71
CA GLU B 137 -3.52 -27.36 -4.33
C GLU B 137 -2.04 -26.93 -4.28
N PRO B 138 -1.80 -25.62 -4.28
CA PRO B 138 -0.46 -25.09 -4.11
C PRO B 138 0.13 -25.55 -2.79
N THR B 139 1.34 -26.10 -2.81
CA THR B 139 1.99 -26.61 -1.60
C THR B 139 2.81 -25.55 -0.87
N LYS B 140 3.33 -24.58 -1.63
CA LYS B 140 4.19 -23.54 -1.08
C LYS B 140 3.41 -22.24 -0.95
N ILE B 141 2.81 -22.05 0.23
N ILE B 141 2.76 -22.07 0.20
CA ILE B 141 1.91 -20.93 0.50
CA ILE B 141 1.94 -20.87 0.45
C ILE B 141 2.40 -20.15 1.73
C ILE B 141 2.37 -20.16 1.72
N ASN B 142 2.29 -18.83 1.69
CA ASN B 142 2.52 -18.01 2.88
C ASN B 142 1.50 -16.87 2.91
N GLU B 143 0.80 -16.74 4.02
CA GLU B 143 -0.19 -15.68 4.16
C GLU B 143 0.49 -14.48 4.83
N VAL B 144 0.48 -13.33 4.15
CA VAL B 144 1.10 -12.10 4.68
C VAL B 144 0.03 -11.05 4.96
N ARG B 145 0.43 -9.94 5.60
CA ARG B 145 -0.51 -9.03 6.22
C ARG B 145 -1.41 -8.31 5.21
N GLU B 146 -0.83 -7.83 4.11
CA GLU B 146 -1.57 -7.02 3.16
C GLU B 146 -0.88 -7.00 1.80
N VAL B 147 -1.58 -6.41 0.83
CA VAL B 147 -1.13 -6.42 -0.56
C VAL B 147 0.26 -5.83 -0.80
N GLN B 148 0.56 -4.67 -0.23
CA GLN B 148 1.86 -4.02 -0.49
C GLN B 148 3.03 -4.84 0.03
N LEU B 149 2.79 -5.61 1.09
CA LEU B 149 3.80 -6.51 1.64
CA LEU B 149 3.80 -6.53 1.64
C LEU B 149 4.06 -7.67 0.68
N ALA B 150 2.96 -8.23 0.16
CA ALA B 150 3.06 -9.28 -0.85
C ALA B 150 3.85 -8.80 -2.08
N LEU B 151 3.51 -7.62 -2.58
CA LEU B 151 4.20 -7.06 -3.75
C LEU B 151 5.67 -6.76 -3.47
N GLY B 152 5.96 -6.18 -2.31
CA GLY B 152 7.33 -5.86 -1.94
C GLY B 152 8.19 -7.12 -1.81
N LEU B 153 7.61 -8.16 -1.23
CA LEU B 153 8.27 -9.46 -1.09
C LEU B 153 8.53 -10.11 -2.45
N VAL B 154 7.58 -9.99 -3.37
CA VAL B 154 7.78 -10.47 -4.75
C VAL B 154 8.95 -9.72 -5.41
N ALA B 155 8.91 -8.39 -5.32
CA ALA B 155 9.94 -7.55 -5.91
C ALA B 155 11.33 -7.80 -5.31
N ALA B 156 11.38 -8.18 -4.04
CA ALA B 156 12.64 -8.53 -3.36
C ALA B 156 13.17 -9.90 -3.78
N GLY B 157 12.33 -10.69 -4.43
CA GLY B 157 12.78 -11.90 -5.10
C GLY B 157 12.45 -13.23 -4.44
N GLU B 158 11.42 -13.25 -3.60
CA GLU B 158 10.90 -14.51 -3.10
C GLU B 158 9.40 -14.46 -3.21
N GLY B 159 8.88 -15.18 -4.21
CA GLY B 159 7.46 -15.46 -4.31
C GLY B 159 6.77 -14.83 -5.50
N ILE B 160 5.52 -15.23 -5.69
CA ILE B 160 4.58 -14.58 -6.61
C ILE B 160 3.29 -14.37 -5.84
N SER B 161 2.39 -13.57 -6.39
CA SER B 161 1.14 -13.26 -5.73
C SER B 161 0.02 -13.07 -6.75
N LEU B 162 -1.13 -13.65 -6.47
CA LEU B 162 -2.34 -13.37 -7.25
C LEU B 162 -2.98 -12.12 -6.67
N VAL B 163 -3.33 -11.18 -7.54
CA VAL B 163 -3.84 -9.87 -7.14
C VAL B 163 -4.95 -9.39 -8.11
N PRO B 164 -5.88 -8.54 -7.64
CA PRO B 164 -6.79 -7.89 -8.59
C PRO B 164 -6.04 -7.05 -9.63
N ALA B 165 -6.56 -6.95 -10.85
CA ALA B 165 -5.90 -6.18 -11.92
C ALA B 165 -5.66 -4.70 -11.58
N SER B 166 -6.56 -4.10 -10.80
CA SER B 166 -6.37 -2.71 -10.34
C SER B 166 -5.16 -2.54 -9.41
N THR B 167 -4.61 -3.65 -8.92
CA THR B 167 -3.39 -3.62 -8.14
C THR B 167 -2.21 -3.03 -8.95
N GLN B 168 -2.35 -2.98 -10.29
CA GLN B 168 -1.33 -2.39 -11.17
C GLN B 168 -1.10 -0.89 -10.94
N SER B 169 -1.98 -0.26 -10.17
CA SER B 169 -1.73 1.10 -9.65
C SER B 169 -0.42 1.19 -8.88
N ILE B 170 0.00 0.07 -8.30
CA ILE B 170 1.28 -0.01 -7.62
C ILE B 170 2.33 -0.54 -8.58
N GLN B 171 3.30 0.30 -8.93
CA GLN B 171 4.39 -0.12 -9.79
C GLN B 171 5.67 -0.07 -9.01
N LEU B 172 6.24 -1.22 -8.69
CA LEU B 172 7.51 -1.29 -7.98
C LEU B 172 8.58 -1.69 -8.98
N PHE B 173 9.81 -1.25 -8.71
CA PHE B 173 10.99 -1.59 -9.52
C PHE B 173 11.08 -3.10 -9.76
N ASN B 174 11.08 -3.49 -11.03
CA ASN B 174 11.20 -4.89 -11.45
C ASN B 174 10.04 -5.81 -11.03
N LEU B 175 8.89 -5.20 -10.78
CA LEU B 175 7.65 -5.91 -10.55
C LEU B 175 6.82 -5.86 -11.83
N SER B 176 6.32 -7.02 -12.23
CA SER B 176 5.57 -7.16 -13.46
C SER B 176 4.29 -7.93 -13.17
N TYR B 177 3.20 -7.57 -13.84
CA TYR B 177 1.92 -8.26 -13.69
C TYR B 177 1.56 -9.04 -14.95
N VAL B 178 1.19 -10.30 -14.77
CA VAL B 178 0.88 -11.20 -15.87
C VAL B 178 -0.62 -11.55 -15.80
N PRO B 179 -1.34 -11.47 -16.92
CA PRO B 179 -2.76 -11.89 -16.94
C PRO B 179 -2.97 -13.36 -16.61
N LEU B 180 -4.06 -13.66 -15.92
CA LEU B 180 -4.51 -15.04 -15.73
C LEU B 180 -5.64 -15.34 -16.71
N LEU B 181 -5.60 -16.51 -17.35
CA LEU B 181 -6.52 -16.83 -18.44
C LEU B 181 -7.77 -17.59 -18.02
N ASP B 182 -7.71 -18.33 -16.90
CA ASP B 182 -8.87 -19.09 -16.45
C ASP B 182 -10.05 -18.11 -16.35
N PRO B 183 -11.19 -18.42 -16.98
CA PRO B 183 -12.27 -17.42 -17.01
C PRO B 183 -12.81 -17.03 -15.64
N ASP B 184 -12.73 -17.97 -14.70
CA ASP B 184 -13.18 -17.71 -13.34
C ASP B 184 -12.08 -17.17 -12.41
N ALA B 185 -10.93 -16.79 -12.97
CA ALA B 185 -9.88 -16.10 -12.21
C ALA B 185 -10.23 -14.61 -12.09
N ILE B 186 -11.18 -14.34 -11.21
CA ILE B 186 -11.76 -13.01 -11.06
C ILE B 186 -12.04 -12.70 -9.61
N THR B 187 -12.33 -11.44 -9.33
CA THR B 187 -12.84 -11.07 -8.02
C THR B 187 -14.01 -10.06 -8.22
N PRO B 188 -15.21 -10.43 -7.75
CA PRO B 188 -16.39 -9.62 -8.03
C PRO B 188 -16.40 -8.31 -7.25
N ILE B 189 -17.19 -7.33 -7.72
CA ILE B 189 -17.47 -6.11 -6.97
C ILE B 189 -18.99 -6.02 -6.86
N TYR B 190 -19.51 -5.92 -5.64
CA TYR B 190 -20.95 -5.77 -5.40
C TYR B 190 -21.29 -4.44 -4.74
N ILE B 191 -22.44 -3.90 -5.11
CA ILE B 191 -23.07 -2.86 -4.31
C ILE B 191 -24.21 -3.51 -3.53
N ALA B 192 -24.30 -3.17 -2.25
CA ALA B 192 -25.30 -3.77 -1.37
C ALA B 192 -26.04 -2.67 -0.62
N VAL B 193 -27.36 -2.82 -0.58
CA VAL B 193 -28.26 -1.93 0.14
C VAL B 193 -29.38 -2.78 0.71
N ARG B 194 -29.95 -2.36 1.84
CA ARG B 194 -31.12 -3.04 2.38
CA ARG B 194 -31.12 -3.04 2.38
C ARG B 194 -32.30 -2.87 1.42
N ASN B 195 -33.23 -3.84 1.43
CA ASN B 195 -34.47 -3.69 0.62
C ASN B 195 -35.33 -2.43 0.67
N MET B 196 -34.81 -1.40 0.00
CA MET B 196 -35.13 0.00 0.23
C MET B 196 -35.72 0.59 -1.03
N GLU B 197 -36.34 1.76 -0.90
CA GLU B 197 -36.83 2.48 -2.07
C GLU B 197 -36.47 3.98 -2.00
N GLU B 198 -37.46 4.85 -1.84
CA GLU B 198 -37.32 6.29 -2.14
C GLU B 198 -36.16 6.98 -1.42
N SER B 199 -35.00 7.01 -2.08
CA SER B 199 -33.83 7.74 -1.60
C SER B 199 -33.02 8.28 -2.77
N THR B 200 -33.13 9.58 -3.03
CA THR B 200 -32.53 10.23 -4.20
C THR B 200 -31.01 10.18 -4.20
N TYR B 201 -30.41 10.23 -3.02
CA TYR B 201 -28.96 10.25 -2.91
C TYR B 201 -28.35 8.93 -3.38
N ILE B 202 -28.98 7.81 -3.02
CA ILE B 202 -28.52 6.48 -3.42
C ILE B 202 -28.80 6.19 -4.90
N TYR B 203 -29.93 6.69 -5.41
CA TYR B 203 -30.20 6.59 -6.85
C TYR B 203 -29.17 7.39 -7.65
N SER B 204 -28.71 8.50 -7.09
CA SER B 204 -27.71 9.33 -7.74
C SER B 204 -26.31 8.70 -7.67
N LEU B 205 -26.08 7.88 -6.63
CA LEU B 205 -24.85 7.08 -6.55
C LEU B 205 -24.84 6.01 -7.66
N TYR B 206 -25.95 5.28 -7.81
CA TYR B 206 -26.10 4.33 -8.93
C TYR B 206 -25.79 4.98 -10.27
N GLU B 207 -26.31 6.17 -10.49
CA GLU B 207 -26.14 6.88 -11.76
C GLU B 207 -24.69 7.33 -11.96
N THR B 208 -24.02 7.69 -10.87
CA THR B 208 -22.61 8.09 -10.93
C THR B 208 -21.75 6.90 -11.35
N ILE B 209 -22.07 5.72 -10.83
CA ILE B 209 -21.40 4.48 -11.22
C ILE B 209 -21.64 4.24 -12.71
N ARG B 210 -22.91 4.31 -13.12
CA ARG B 210 -23.31 4.12 -14.51
C ARG B 210 -22.60 5.09 -15.47
N GLN B 211 -22.35 6.33 -15.01
CA GLN B 211 -21.63 7.32 -15.82
C GLN B 211 -20.16 6.94 -15.99
N ILE B 212 -19.51 6.58 -14.90
CA ILE B 212 -18.10 6.18 -14.93
C ILE B 212 -17.91 4.90 -15.75
N TYR B 213 -18.80 3.92 -15.55
CA TYR B 213 -18.73 2.65 -16.29
C TYR B 213 -18.88 2.87 -17.79
N ALA B 214 -19.83 3.70 -18.18
CA ALA B 214 -20.07 4.02 -19.59
C ALA B 214 -18.83 4.64 -20.23
N TYR B 215 -18.24 5.62 -19.53
CA TYR B 215 -17.00 6.26 -19.98
C TYR B 215 -15.86 5.25 -20.12
N GLU B 216 -15.82 4.29 -19.20
CA GLU B 216 -14.80 3.25 -19.21
C GLU B 216 -15.07 2.21 -20.31
N GLY B 217 -16.33 2.06 -20.69
CA GLY B 217 -16.74 1.07 -21.68
C GLY B 217 -17.40 -0.15 -21.06
N PHE B 218 -17.52 -0.16 -19.73
CA PHE B 218 -18.15 -1.26 -19.01
C PHE B 218 -19.67 -1.26 -19.23
N THR B 219 -20.24 -2.46 -19.36
CA THR B 219 -21.69 -2.63 -19.42
C THR B 219 -22.32 -2.31 -18.06
N GLU B 220 -23.62 -2.04 -18.07
CA GLU B 220 -24.30 -1.50 -16.89
C GLU B 220 -25.17 -2.56 -16.18
N PRO B 221 -25.38 -2.39 -14.87
CA PRO B 221 -26.32 -3.21 -14.10
C PRO B 221 -27.76 -2.69 -14.23
N PRO B 222 -28.75 -3.50 -13.84
CA PRO B 222 -30.16 -3.10 -14.02
C PRO B 222 -30.61 -2.03 -13.02
N ASN B 223 -31.81 -1.50 -13.23
CA ASN B 223 -32.39 -0.48 -12.35
C ASN B 223 -33.92 -0.41 -12.43
C BEZ C . 15.86 3.46 0.61
O1 BEZ C . 16.93 4.33 0.43
O2 BEZ C . 14.70 3.72 0.05
C1 BEZ C . 16.06 2.26 1.46
C2 BEZ C . 17.36 1.83 1.71
C3 BEZ C . 17.56 0.71 2.50
C4 BEZ C . 16.48 0.03 3.02
C5 BEZ C . 15.18 0.46 2.77
C6 BEZ C . 14.96 1.58 1.98
C BEZ D . 6.97 5.44 8.65
O1 BEZ D . 6.29 4.30 9.14
O2 BEZ D . 7.05 5.60 7.35
C1 BEZ D . 7.57 6.44 9.60
C2 BEZ D . 7.63 6.17 10.97
C3 BEZ D . 8.18 7.09 11.86
C4 BEZ D . 8.68 8.30 11.39
C5 BEZ D . 8.63 8.59 10.02
C6 BEZ D . 8.08 7.66 9.13
C BEZ E . -15.18 -0.57 -9.54
O1 BEZ E . -15.85 -1.25 -10.57
O2 BEZ E . -13.89 -0.39 -9.64
C1 BEZ E . -15.96 -0.06 -8.37
C2 BEZ E . -17.25 0.39 -8.55
C3 BEZ E . -17.97 0.86 -7.45
C4 BEZ E . -17.39 0.87 -6.19
C5 BEZ E . -16.09 0.41 -6.01
C6 BEZ E . -15.38 -0.05 -7.11
C BEZ F . -10.74 -8.15 -0.89
O1 BEZ F . -10.16 -7.57 -2.03
O2 BEZ F . -10.46 -7.62 0.27
C1 BEZ F . -11.60 -9.38 -0.97
C2 BEZ F . -11.69 -10.12 -2.15
C3 BEZ F . -12.47 -11.27 -2.24
C4 BEZ F . -13.19 -11.69 -1.12
C5 BEZ F . -13.12 -10.97 0.07
C6 BEZ F . -12.32 -9.82 0.15
C BEZ G . 8.01 -21.28 1.28
O1 BEZ G . 7.56 -22.56 0.90
O2 BEZ G . 9.09 -21.20 2.02
C1 BEZ G . 7.28 -20.03 0.86
C2 BEZ G . 5.97 -20.12 0.42
C3 BEZ G . 5.29 -18.96 0.02
C4 BEZ G . 5.92 -17.73 0.05
C5 BEZ G . 7.24 -17.64 0.49
C6 BEZ G . 7.92 -18.78 0.90
#